data_5MNQ
#
_entry.id   5MNQ
#
_cell.length_a   59.893
_cell.length_b   64.076
_cell.length_c   69.435
_cell.angle_alpha   90.00
_cell.angle_beta   90.00
_cell.angle_gamma   90.00
#
_symmetry.space_group_name_H-M   'P 21 21 21'
#
loop_
_entity.id
_entity.type
_entity.pdbx_description
1 polymer 'Cationic trypsin'
2 non-polymer 'CALCIUM ION'
3 non-polymer 'SULFATE ION'
4 non-polymer (2~{S})-1-[(2~{R})-2-azanyl-3-phenyl-propanoyl]-~{N}-[(1-carbamimidoylpiperidin-4-yl)methyl]pyrrolidine-2-carboxamide
5 non-polymer 'DIMETHYL SULFOXIDE'
6 water water
#
_entity_poly.entity_id   1
_entity_poly.type   'polypeptide(L)'
_entity_poly.pdbx_seq_one_letter_code
;IVGGYTCGANTVPYQVSLNSGYHFCGGSLINSQWVVSAAHCYKSGIQVRLGEDNINVVEGNEQFISASKSIVHPSYNSNT
LNNDIMLIKLKSAASLNSRVASISLPTSCASAGTQCLISGWGNTKSSGTSYPDVLKCLKAPILSDSSCKSAYPGQITSNM
FCAGYLEGGKDSCQGDSGGPVVCSGKLQGIVSWGSGCAQKNKPGVYTKVCNYVSWIKQTIASN
;
_entity_poly.pdbx_strand_id   A
#
loop_
_chem_comp.id
_chem_comp.type
_chem_comp.name
_chem_comp.formula
CA non-polymer 'CALCIUM ION' 'Ca 2'
DMS non-polymer 'DIMETHYL SULFOXIDE' 'C2 H6 O S'
J3I non-polymer (2~{S})-1-[(2~{R})-2-azanyl-3-phenyl-propanoyl]-~{N}-[(1-carbamimidoylpiperidin-4-yl)methyl]pyrrolidine-2-carboxamide 'C21 H32 N6 O2'
SO4 non-polymer 'SULFATE ION' 'O4 S -2'
#
# COMPACT_ATOMS: atom_id res chain seq x y z
N ILE A 1 -0.57 5.40 9.92
CA ILE A 1 0.79 5.04 10.40
C ILE A 1 0.95 5.46 11.85
N VAL A 2 1.27 4.51 12.72
CA VAL A 2 1.48 4.76 14.14
C VAL A 2 2.98 4.77 14.41
N GLY A 3 3.46 5.79 15.10
CA GLY A 3 4.87 5.85 15.47
C GLY A 3 5.79 6.22 14.34
N GLY A 4 5.26 6.80 13.27
CA GLY A 4 6.02 7.25 12.14
C GLY A 4 6.39 8.72 12.22
N TYR A 5 6.65 9.29 11.06
CA TYR A 5 7.11 10.67 10.97
C TYR A 5 6.49 11.30 9.73
N THR A 6 6.44 12.63 9.71
CA THR A 6 5.98 13.34 8.53
C THR A 6 6.97 13.12 7.39
N CYS A 7 6.51 12.56 6.27
CA CYS A 7 7.42 12.22 5.18
C CYS A 7 8.10 13.47 4.64
N GLY A 8 7.32 14.52 4.44
CA GLY A 8 7.72 15.68 3.66
C GLY A 8 6.97 15.67 2.34
N ALA A 9 6.54 16.84 1.90
CA ALA A 9 5.67 16.94 0.75
C ALA A 9 6.30 16.30 -0.49
N ASN A 10 5.59 15.34 -1.08
CA ASN A 10 5.93 14.75 -2.36
C ASN A 10 7.24 13.97 -2.34
N THR A 11 7.70 13.57 -1.15
CA THR A 11 8.89 12.75 -1.02
C THR A 11 8.62 11.27 -1.28
N VAL A 12 7.36 10.90 -1.42
CA VAL A 12 6.96 9.53 -1.72
C VAL A 12 6.09 9.65 -2.96
N PRO A 13 6.67 9.91 -4.13
CA PRO A 13 5.87 10.42 -5.26
C PRO A 13 5.00 9.37 -5.92
N TYR A 14 5.17 8.10 -5.54
CA TYR A 14 4.35 7.00 -6.02
C TYR A 14 3.14 6.74 -5.14
N GLN A 15 3.07 7.38 -3.99
CA GLN A 15 1.95 7.16 -3.07
C GLN A 15 0.71 7.88 -3.60
N VAL A 16 -0.40 7.15 -3.67
CA VAL A 16 -1.67 7.75 -4.03
C VAL A 16 -2.64 7.59 -2.86
N SER A 17 -3.65 8.45 -2.86
CA SER A 17 -4.81 8.32 -1.99
C SER A 17 -5.99 7.90 -2.85
N LEU A 18 -6.73 6.87 -2.40
CA LEU A 18 -7.98 6.47 -3.02
C LEU A 18 -9.11 7.17 -2.28
N ASN A 19 -9.93 7.89 -3.03
CA ASN A 19 -10.92 8.79 -2.47
C ASN A 19 -12.31 8.48 -3.00
N SER A 20 -13.29 8.42 -2.11
CA SER A 20 -14.70 8.21 -2.45
C SER A 20 -15.54 9.25 -1.73
N GLY A 21 -15.15 10.51 -1.87
CA GLY A 21 -15.66 11.59 -1.04
C GLY A 21 -15.02 11.68 0.31
N TYR A 22 -13.94 10.92 0.51
CA TYR A 22 -13.10 10.88 1.70
C TYR A 22 -11.97 9.93 1.36
N HIS A 23 -10.83 10.10 2.02
CA HIS A 23 -9.73 9.16 1.84
C HIS A 23 -10.12 7.84 2.49
N PHE A 24 -9.97 6.73 1.76
CA PHE A 24 -10.27 5.43 2.35
C PHE A 24 -9.17 4.38 2.21
N CYS A 25 -8.19 4.59 1.35
CA CYS A 25 -7.12 3.61 1.16
C CYS A 25 -5.97 4.31 0.47
N GLY A 26 -4.78 3.71 0.56
CA GLY A 26 -3.66 4.11 -0.24
C GLY A 26 -3.49 3.19 -1.46
N GLY A 27 -2.46 3.50 -2.22
CA GLY A 27 -2.07 2.74 -3.39
C GLY A 27 -0.74 3.24 -3.87
N SER A 28 -0.21 2.55 -4.87
CA SER A 28 1.10 2.87 -5.46
C SER A 28 1.00 2.97 -6.97
N LEU A 29 1.49 4.08 -7.54
CA LEU A 29 1.53 4.24 -8.99
C LEU A 29 2.65 3.39 -9.57
N ILE A 30 2.33 2.51 -10.51
CA ILE A 30 3.34 1.65 -11.14
C ILE A 30 3.59 1.98 -12.61
N ASN A 31 2.71 2.73 -13.26
CA ASN A 31 3.02 3.37 -14.54
C ASN A 31 2.03 4.51 -14.66
N SER A 32 2.07 5.23 -15.77
CA SER A 32 1.24 6.43 -15.85
C SER A 32 -0.26 6.13 -15.84
N GLN A 33 -0.65 4.88 -16.05
N GLN A 33 -0.69 4.90 -16.05
CA GLN A 33 -2.06 4.52 -16.16
CA GLN A 33 -2.14 4.63 -16.06
C GLN A 33 -2.57 3.57 -15.10
C GLN A 33 -2.56 3.49 -15.14
N TRP A 34 -1.70 3.07 -14.21
CA TRP A 34 -2.06 1.94 -13.34
C TRP A 34 -1.53 2.12 -11.93
N VAL A 35 -2.37 1.75 -10.96
CA VAL A 35 -2.10 1.77 -9.54
C VAL A 35 -2.26 0.36 -8.98
N VAL A 36 -1.42 0.00 -8.02
CA VAL A 36 -1.54 -1.24 -7.25
C VAL A 36 -2.07 -0.87 -5.86
N SER A 37 -3.10 -1.59 -5.42
CA SER A 37 -3.64 -1.42 -4.08
C SER A 37 -4.05 -2.78 -3.55
N ALA A 38 -4.78 -2.80 -2.44
CA ALA A 38 -5.25 -4.05 -1.83
C ALA A 38 -6.65 -4.38 -2.34
N ALA A 39 -6.90 -5.69 -2.50
CA ALA A 39 -8.23 -6.15 -2.88
C ALA A 39 -9.28 -5.74 -1.86
N HIS A 40 -8.92 -5.66 -0.57
CA HIS A 40 -9.91 -5.30 0.42
C HIS A 40 -10.31 -3.82 0.34
N CYS A 41 -9.62 -3.03 -0.49
CA CYS A 41 -10.00 -1.65 -0.78
C CYS A 41 -10.99 -1.54 -1.93
N TYR A 42 -11.37 -2.64 -2.58
CA TYR A 42 -12.24 -2.51 -3.75
C TYR A 42 -13.57 -1.88 -3.36
N LYS A 43 -14.01 -0.96 -4.22
CA LYS A 43 -15.36 -0.43 -4.23
C LYS A 43 -15.53 0.26 -5.57
N SER A 44 -16.77 0.54 -5.94
CA SER A 44 -17.02 1.39 -7.09
CA SER A 44 -17.03 1.40 -7.08
C SER A 44 -16.73 2.85 -6.74
N GLY A 45 -16.65 3.69 -7.77
CA GLY A 45 -16.53 5.12 -7.56
C GLY A 45 -15.19 5.59 -7.04
N ILE A 46 -14.12 4.91 -7.36
CA ILE A 46 -12.80 5.33 -6.87
C ILE A 46 -12.29 6.50 -7.69
N GLN A 47 -11.85 7.55 -7.00
CA GLN A 47 -11.03 8.61 -7.58
C GLN A 47 -9.62 8.48 -7.02
N VAL A 48 -8.64 8.44 -7.91
CA VAL A 48 -7.24 8.32 -7.51
C VAL A 48 -6.67 9.73 -7.37
N ARG A 49 -6.04 10.02 -6.25
CA ARG A 49 -5.48 11.34 -6.00
C ARG A 49 -3.97 11.19 -5.90
N LEU A 50 -3.27 11.72 -6.90
CA LEU A 50 -1.83 11.68 -7.03
C LEU A 50 -1.24 13.01 -6.62
N GLY A 51 0.05 13.00 -6.27
CA GLY A 51 0.72 14.23 -5.92
C GLY A 51 0.31 14.85 -4.61
N GLU A 52 -0.37 14.11 -3.74
CA GLU A 52 -0.89 14.67 -2.51
C GLU A 52 0.15 14.74 -1.40
N ASP A 53 0.06 15.79 -0.59
CA ASP A 53 0.66 15.77 0.73
C ASP A 53 -0.44 16.00 1.76
N ASN A 54 -0.89 17.23 1.94
CA ASN A 54 -2.05 17.51 2.79
C ASN A 54 -3.30 17.09 2.00
N ILE A 55 -3.95 16.00 2.39
CA ILE A 55 -5.11 15.52 1.65
C ILE A 55 -6.35 16.38 1.90
N ASN A 56 -6.28 17.34 2.81
CA ASN A 56 -7.40 18.20 3.12
C ASN A 56 -7.25 19.62 2.58
N VAL A 57 -6.18 19.91 1.84
CA VAL A 57 -5.94 21.24 1.29
C VAL A 57 -5.43 21.07 -0.12
N VAL A 58 -5.97 21.86 -1.05
CA VAL A 58 -5.43 21.93 -2.40
C VAL A 58 -4.16 22.78 -2.32
N GLU A 59 -3.01 22.15 -2.49
CA GLU A 59 -1.71 22.81 -2.31
C GLU A 59 -1.01 23.09 -3.62
N GLY A 60 -1.48 22.48 -4.69
CA GLY A 60 -0.73 22.36 -5.93
C GLY A 60 -0.08 21.00 -5.97
N ASN A 61 0.18 20.53 -7.17
CA ASN A 61 0.78 19.23 -7.49
C ASN A 61 -0.21 18.09 -7.50
N GLU A 62 -1.43 18.27 -7.01
CA GLU A 62 -2.42 17.20 -7.07
C GLU A 62 -2.85 16.93 -8.50
N GLN A 63 -3.09 15.65 -8.79
CA GLN A 63 -3.82 15.22 -9.96
C GLN A 63 -4.91 14.26 -9.47
N PHE A 64 -6.16 14.57 -9.79
CA PHE A 64 -7.29 13.72 -9.42
C PHE A 64 -7.76 13.07 -10.71
N ILE A 65 -7.77 11.74 -10.74
CA ILE A 65 -8.13 10.99 -11.94
C ILE A 65 -9.05 9.85 -11.51
N SER A 66 -10.23 9.77 -12.12
CA SER A 66 -11.13 8.68 -11.81
C SER A 66 -10.55 7.35 -12.26
N ALA A 67 -10.81 6.32 -11.47
CA ALA A 67 -10.55 4.96 -11.93
C ALA A 67 -11.50 4.62 -13.07
N SER A 68 -10.97 4.04 -14.13
CA SER A 68 -11.83 3.45 -15.15
C SER A 68 -12.07 1.96 -14.92
N LYS A 69 -11.13 1.24 -14.31
CA LYS A 69 -11.25 -0.18 -14.05
CA LYS A 69 -11.25 -0.18 -14.05
C LYS A 69 -10.63 -0.44 -12.69
N SER A 70 -11.26 -1.34 -11.92
CA SER A 70 -10.61 -1.93 -10.76
C SER A 70 -10.63 -3.44 -10.97
N ILE A 71 -9.49 -4.08 -10.76
CA ILE A 71 -9.37 -5.50 -11.04
C ILE A 71 -8.83 -6.18 -9.77
N VAL A 72 -9.71 -6.85 -9.05
CA VAL A 72 -9.34 -7.61 -7.87
C VAL A 72 -8.76 -8.95 -8.31
N HIS A 73 -7.71 -9.41 -7.62
CA HIS A 73 -7.16 -10.69 -8.00
C HIS A 73 -8.24 -11.77 -7.98
N PRO A 74 -8.33 -12.60 -9.03
CA PRO A 74 -9.40 -13.61 -9.05
C PRO A 74 -9.37 -14.57 -7.88
N SER A 75 -8.20 -14.78 -7.26
CA SER A 75 -8.12 -15.69 -6.12
C SER A 75 -8.16 -14.98 -4.76
N TYR A 76 -8.48 -13.70 -4.72
CA TYR A 76 -8.65 -13.01 -3.44
C TYR A 76 -9.70 -13.71 -2.61
N ASN A 77 -9.36 -13.99 -1.35
CA ASN A 77 -10.27 -14.59 -0.39
C ASN A 77 -10.43 -13.58 0.73
N SER A 78 -11.63 -13.03 0.88
CA SER A 78 -11.84 -11.97 1.87
C SER A 78 -11.88 -12.49 3.30
N ASN A 79 -11.96 -13.80 3.50
CA ASN A 79 -11.92 -14.33 4.85
C ASN A 79 -10.51 -14.51 5.37
N THR A 80 -9.55 -14.77 4.49
CA THR A 80 -8.15 -14.97 4.86
C THR A 80 -7.25 -13.84 4.40
N LEU A 81 -7.73 -12.99 3.49
CA LEU A 81 -6.97 -11.96 2.79
C LEU A 81 -5.82 -12.54 1.98
N ASN A 82 -5.86 -13.82 1.63
CA ASN A 82 -4.89 -14.33 0.67
C ASN A 82 -5.14 -13.67 -0.68
N ASN A 83 -4.05 -13.31 -1.37
CA ASN A 83 -4.11 -12.63 -2.65
C ASN A 83 -4.78 -11.25 -2.53
N ASP A 84 -4.35 -10.50 -1.52
CA ASP A 84 -4.93 -9.19 -1.25
C ASP A 84 -4.25 -8.13 -2.14
N ILE A 85 -4.60 -8.16 -3.42
CA ILE A 85 -4.02 -7.25 -4.40
C ILE A 85 -5.10 -6.89 -5.41
N MET A 86 -5.06 -5.63 -5.87
CA MET A 86 -5.99 -5.12 -6.87
C MET A 86 -5.23 -4.14 -7.75
N LEU A 87 -5.57 -4.12 -9.03
CA LEU A 87 -5.04 -3.14 -9.96
C LEU A 87 -6.13 -2.15 -10.30
N ILE A 88 -5.78 -0.88 -10.37
CA ILE A 88 -6.71 0.17 -10.75
C ILE A 88 -6.16 0.84 -11.99
N LYS A 89 -6.96 0.87 -13.05
CA LYS A 89 -6.60 1.62 -14.23
C LYS A 89 -7.21 3.01 -14.15
N LEU A 90 -6.40 4.01 -14.48
CA LEU A 90 -6.83 5.40 -14.49
C LEU A 90 -7.53 5.73 -15.80
N LYS A 91 -8.57 6.56 -15.73
CA LYS A 91 -9.32 6.95 -16.93
C LYS A 91 -8.44 7.67 -17.93
N SER A 92 -7.48 8.44 -17.44
CA SER A 92 -6.50 9.11 -18.28
CA SER A 92 -6.49 9.11 -18.28
C SER A 92 -5.13 8.95 -17.61
N ALA A 93 -4.08 9.07 -18.41
CA ALA A 93 -2.75 8.94 -17.85
C ALA A 93 -2.39 10.11 -16.95
N ALA A 94 -1.76 9.80 -15.84
CA ALA A 94 -1.16 10.81 -15.01
C ALA A 94 0.01 11.47 -15.74
N SER A 95 0.24 12.74 -15.42
CA SER A 95 1.40 13.46 -15.90
CA SER A 95 1.40 13.46 -15.90
C SER A 95 2.53 13.20 -14.93
N LEU A 96 3.57 12.49 -15.39
CA LEU A 96 4.66 12.13 -14.51
C LEU A 96 5.68 13.25 -14.42
N ASN A 97 6.18 13.46 -13.21
CA ASN A 97 7.13 14.53 -12.90
C ASN A 97 7.83 14.12 -11.61
N SER A 98 8.62 15.02 -11.01
CA SER A 98 9.35 14.59 -9.80
C SER A 98 8.43 14.32 -8.62
N ARG A 99 7.23 14.90 -8.60
N ARG A 99 7.23 14.90 -8.60
CA ARG A 99 6.29 14.72 -7.51
CA ARG A 99 6.28 14.75 -7.51
C ARG A 99 5.23 13.66 -7.76
C ARG A 99 5.21 13.69 -7.77
N VAL A 100 5.11 13.19 -9.00
CA VAL A 100 4.16 12.13 -9.37
C VAL A 100 4.97 11.17 -10.22
N ALA A 101 5.32 10.01 -9.65
CA ALA A 101 6.30 9.12 -10.22
C ALA A 101 5.93 7.68 -9.90
N SER A 102 6.25 6.80 -10.83
CA SER A 102 5.96 5.40 -10.60
C SER A 102 7.04 4.75 -9.75
N ILE A 103 6.67 3.63 -9.12
CA ILE A 103 7.61 2.79 -8.36
C ILE A 103 7.82 1.49 -9.10
N SER A 104 9.07 1.06 -9.19
CA SER A 104 9.41 -0.18 -9.87
C SER A 104 8.86 -1.37 -9.13
N LEU A 105 8.45 -2.37 -9.89
CA LEU A 105 8.11 -3.66 -9.34
C LEU A 105 9.37 -4.49 -9.08
N PRO A 106 9.28 -5.47 -8.17
CA PRO A 106 10.44 -6.28 -7.84
C PRO A 106 10.89 -7.11 -9.03
N THR A 107 12.19 -7.37 -9.08
CA THR A 107 12.71 -8.43 -9.92
C THR A 107 12.98 -9.70 -9.14
N SER A 108 13.08 -9.61 -7.82
CA SER A 108 13.12 -10.78 -6.95
C SER A 108 12.52 -10.39 -5.60
N CYS A 109 12.19 -11.40 -4.81
CA CYS A 109 11.63 -11.13 -3.50
C CYS A 109 12.69 -10.54 -2.58
N ALA A 110 12.22 -9.82 -1.56
CA ALA A 110 13.10 -9.26 -0.54
C ALA A 110 13.32 -10.28 0.57
N SER A 111 14.36 -10.04 1.34
CA SER A 111 14.79 -10.94 2.39
C SER A 111 14.46 -10.37 3.77
N ALA A 112 14.31 -11.28 4.73
CA ALA A 112 14.17 -10.88 6.11
C ALA A 112 15.29 -9.94 6.51
N GLY A 113 14.93 -8.93 7.28
CA GLY A 113 15.86 -7.94 7.74
C GLY A 113 15.99 -6.73 6.83
N THR A 114 15.49 -6.79 5.61
CA THR A 114 15.56 -5.63 4.73
C THR A 114 14.68 -4.52 5.27
N GLN A 115 15.22 -3.30 5.31
CA GLN A 115 14.48 -2.16 5.79
C GLN A 115 13.68 -1.56 4.65
N CYS A 116 12.43 -1.23 4.94
CA CYS A 116 11.50 -0.75 3.94
C CYS A 116 10.83 0.51 4.44
N LEU A 117 10.22 1.23 3.51
CA LEU A 117 9.48 2.45 3.78
C LEU A 117 7.99 2.18 3.57
N ILE A 118 7.20 2.40 4.60
CA ILE A 118 5.76 2.20 4.58
C ILE A 118 5.12 3.56 4.78
N SER A 119 4.07 3.89 4.04
CA SER A 119 3.55 5.25 4.11
C SER A 119 2.04 5.25 3.96
N GLY A 120 1.42 6.32 4.43
CA GLY A 120 -0.02 6.47 4.29
C GLY A 120 -0.58 7.57 5.15
N TRP A 121 -1.90 7.78 4.95
CA TRP A 121 -2.70 8.74 5.68
C TRP A 121 -3.62 8.05 6.69
N GLY A 122 -3.29 6.83 7.10
CA GLY A 122 -4.10 6.14 8.08
C GLY A 122 -3.93 6.63 9.51
N ASN A 123 -4.67 5.97 10.39
CA ASN A 123 -4.73 6.29 11.81
C ASN A 123 -3.32 6.32 12.39
N THR A 124 -3.05 7.32 13.22
CA THR A 124 -1.76 7.46 13.88
C THR A 124 -1.79 7.05 15.34
N LYS A 125 -2.91 6.55 15.83
CA LYS A 125 -3.03 6.11 17.22
C LYS A 125 -3.24 4.59 17.27
N SER A 126 -2.59 3.95 18.24
CA SER A 126 -2.82 2.53 18.47
C SER A 126 -4.02 2.27 19.36
N SER A 127 -4.48 3.29 20.09
CA SER A 127 -5.71 3.23 20.87
C SER A 127 -6.48 4.50 20.53
N GLY A 128 -7.70 4.35 20.04
CA GLY A 128 -8.44 5.51 19.58
C GLY A 128 -8.08 5.85 18.13
N THR A 129 -8.43 7.07 17.73
CA THR A 129 -8.42 7.42 16.31
C THR A 129 -7.94 8.84 16.13
N SER A 130 -6.97 9.03 15.23
CA SER A 130 -6.54 10.34 14.76
C SER A 130 -6.02 10.16 13.35
N TYR A 131 -6.59 10.91 12.40
CA TYR A 131 -6.16 10.80 11.03
C TYR A 131 -5.40 12.07 10.64
N PRO A 132 -4.24 11.94 10.01
CA PRO A 132 -3.39 13.09 9.74
C PRO A 132 -3.81 13.83 8.47
N ASP A 133 -3.39 15.09 8.40
CA ASP A 133 -3.53 15.84 7.16
C ASP A 133 -2.47 15.41 6.15
N VAL A 134 -1.22 15.30 6.58
CA VAL A 134 -0.09 15.10 5.66
C VAL A 134 0.37 13.64 5.71
N LEU A 135 1.13 13.26 4.69
CA LEU A 135 1.52 11.86 4.54
C LEU A 135 2.54 11.49 5.62
N LYS A 136 2.34 10.33 6.22
CA LYS A 136 3.21 9.80 7.26
C LYS A 136 3.99 8.60 6.72
N CYS A 137 5.17 8.41 7.30
CA CYS A 137 6.16 7.45 6.84
C CYS A 137 6.66 6.65 8.03
N LEU A 138 7.07 5.41 7.77
CA LEU A 138 7.64 4.54 8.78
C LEU A 138 8.70 3.68 8.12
N LYS A 139 9.89 3.65 8.71
CA LYS A 139 10.89 2.68 8.30
C LYS A 139 10.67 1.40 9.10
N ALA A 140 10.62 0.26 8.42
CA ALA A 140 10.27 -1.00 9.07
C ALA A 140 10.97 -2.15 8.39
N PRO A 141 11.49 -3.12 9.14
CA PRO A 141 12.12 -4.29 8.53
C PRO A 141 11.14 -5.42 8.25
N ILE A 142 11.46 -6.19 7.21
CA ILE A 142 10.79 -7.47 6.96
C ILE A 142 11.20 -8.47 8.02
N LEU A 143 10.23 -9.19 8.57
CA LEU A 143 10.53 -10.20 9.58
C LEU A 143 10.71 -11.55 8.92
N SER A 144 11.37 -12.46 9.64
CA SER A 144 11.50 -13.81 9.15
C SER A 144 10.10 -14.46 9.08
N ASP A 145 9.95 -15.37 8.11
N ASP A 145 9.92 -15.36 8.14
CA ASP A 145 8.70 -16.12 7.99
CA ASP A 145 8.58 -15.93 8.07
C ASP A 145 8.35 -16.79 9.31
C ASP A 145 8.31 -16.89 9.26
N SER A 146 9.35 -17.35 9.98
CA SER A 146 9.09 -18.05 11.24
C SER A 146 8.53 -17.12 12.30
N SER A 147 9.11 -15.93 12.46
CA SER A 147 8.57 -14.95 13.40
CA SER A 147 8.57 -14.96 13.41
C SER A 147 7.16 -14.55 13.00
N CYS A 148 6.92 -14.40 11.71
CA CYS A 148 5.60 -13.99 11.25
C CYS A 148 4.56 -15.06 11.58
N LYS A 149 4.88 -16.33 11.35
CA LYS A 149 3.95 -17.40 11.65
C LYS A 149 3.79 -17.61 13.14
N SER A 150 4.84 -17.38 13.92
CA SER A 150 4.69 -17.42 15.37
C SER A 150 3.72 -16.36 15.85
N ALA A 151 3.72 -15.20 15.21
CA ALA A 151 2.85 -14.11 15.65
C ALA A 151 1.41 -14.39 15.25
N TYR A 152 1.20 -14.99 14.08
CA TYR A 152 -0.14 -15.24 13.55
C TYR A 152 -0.26 -16.70 13.12
N PRO A 153 -0.32 -17.63 14.08
CA PRO A 153 -0.35 -19.05 13.73
C PRO A 153 -1.52 -19.41 12.83
N GLY A 154 -1.23 -20.14 11.75
CA GLY A 154 -2.22 -20.64 10.82
C GLY A 154 -2.75 -19.61 9.84
N GLN A 155 -2.27 -18.37 9.89
CA GLN A 155 -2.87 -17.28 9.12
C GLN A 155 -1.97 -16.76 8.00
N ILE A 156 -0.72 -17.16 7.92
CA ILE A 156 0.23 -16.54 7.00
C ILE A 156 0.39 -17.48 5.81
N THR A 157 0.00 -17.03 4.64
CA THR A 157 0.21 -17.79 3.43
C THR A 157 1.53 -17.39 2.77
N SER A 158 1.88 -18.13 1.71
CA SER A 158 3.06 -17.80 0.91
C SER A 158 2.93 -16.45 0.21
N ASN A 159 1.75 -15.83 0.21
CA ASN A 159 1.54 -14.53 -0.44
C ASN A 159 1.52 -13.41 0.56
N MET A 160 2.04 -13.63 1.76
CA MET A 160 2.08 -12.63 2.81
C MET A 160 3.45 -12.60 3.44
N PHE A 161 3.85 -11.43 3.93
CA PHE A 161 5.00 -11.33 4.82
C PHE A 161 4.66 -10.35 5.94
N CYS A 162 5.38 -10.49 7.05
CA CYS A 162 5.28 -9.54 8.14
C CYS A 162 6.41 -8.53 8.04
N ALA A 163 6.09 -7.29 8.44
CA ALA A 163 7.10 -6.25 8.57
C ALA A 163 6.74 -5.37 9.76
N GLY A 164 7.76 -4.80 10.37
CA GLY A 164 7.53 -3.94 11.49
C GLY A 164 8.25 -4.43 12.72
N TYR A 165 7.51 -4.39 13.82
CA TYR A 165 8.10 -4.44 15.14
C TYR A 165 7.24 -5.35 15.99
N LEU A 166 7.90 -5.95 16.95
CA LEU A 166 7.23 -6.80 17.92
C LEU A 166 7.08 -6.12 19.28
N GLU A 167 7.81 -5.03 19.51
CA GLU A 167 7.76 -4.34 20.80
C GLU A 167 6.61 -3.36 20.93
N GLY A 168 5.83 -3.16 19.87
CA GLY A 168 4.71 -2.23 19.85
C GLY A 168 5.15 -0.82 19.49
N GLY A 169 4.17 -0.03 19.08
CA GLY A 169 4.34 1.40 18.91
C GLY A 169 4.63 1.88 17.50
N LYS A 170 4.91 0.98 16.55
CA LYS A 170 5.28 1.38 15.18
C LYS A 170 4.62 0.42 14.20
N ASP A 171 3.70 0.92 13.37
CA ASP A 171 2.96 0.03 12.48
C ASP A 171 2.18 0.86 11.47
N SER A 172 1.66 0.17 10.47
CA SER A 172 0.58 0.72 9.66
C SER A 172 -0.76 0.46 10.37
N CYS A 173 -1.82 1.08 9.86
CA CYS A 173 -3.10 1.04 10.56
C CYS A 173 -4.23 1.28 9.58
N GLN A 174 -5.46 1.30 10.10
CA GLN A 174 -6.63 1.56 9.29
C GLN A 174 -6.40 2.83 8.47
N GLY A 175 -6.77 2.78 7.20
CA GLY A 175 -6.60 3.89 6.29
C GLY A 175 -5.26 3.88 5.56
N ASP A 176 -4.29 3.06 5.99
CA ASP A 176 -3.07 2.83 5.25
C ASP A 176 -3.24 1.70 4.25
N SER A 177 -4.29 0.89 4.42
CA SER A 177 -4.65 -0.22 3.53
C SER A 177 -4.36 0.10 2.08
N GLY A 178 -3.73 -0.84 1.39
CA GLY A 178 -3.48 -0.70 -0.01
C GLY A 178 -2.21 0.05 -0.37
N GLY A 179 -1.61 0.74 0.60
CA GLY A 179 -0.43 1.52 0.32
C GLY A 179 0.84 0.72 0.27
N PRO A 180 1.93 1.41 -0.02
CA PRO A 180 3.19 0.77 -0.38
C PRO A 180 4.07 0.37 0.80
N VAL A 181 4.79 -0.72 0.56
CA VAL A 181 5.97 -1.09 1.32
C VAL A 181 7.08 -1.16 0.27
N VAL A 182 8.03 -0.22 0.34
CA VAL A 182 9.08 -0.11 -0.67
C VAL A 182 10.41 -0.42 -0.02
N CYS A 183 11.18 -1.31 -0.65
CA CYS A 183 12.45 -1.78 -0.11
C CYS A 183 13.46 -1.72 -1.23
N SER A 184 14.56 -1.01 -1.01
CA SER A 184 15.61 -0.89 -2.04
C SER A 184 15.02 -0.44 -3.38
N GLY A 185 14.06 0.49 -3.32
CA GLY A 185 13.51 1.07 -4.53
C GLY A 185 12.50 0.22 -5.25
N LYS A 186 12.02 -0.86 -4.65
CA LYS A 186 11.05 -1.76 -5.26
C LYS A 186 9.82 -1.88 -4.39
N LEU A 187 8.65 -1.96 -5.01
CA LEU A 187 7.39 -2.22 -4.31
C LEU A 187 7.31 -3.69 -3.94
N GLN A 188 7.65 -4.01 -2.71
CA GLN A 188 7.62 -5.39 -2.24
C GLN A 188 6.34 -5.72 -1.48
N GLY A 189 5.64 -4.74 -0.92
CA GLY A 189 4.46 -5.05 -0.11
C GLY A 189 3.33 -4.08 -0.35
N ILE A 190 2.14 -4.55 0.02
CA ILE A 190 0.91 -3.77 0.07
C ILE A 190 0.35 -3.89 1.50
N VAL A 191 -0.01 -2.77 2.09
CA VAL A 191 -0.60 -2.78 3.43
C VAL A 191 -1.87 -3.60 3.39
N SER A 192 -1.93 -4.68 4.20
CA SER A 192 -3.02 -5.64 4.13
C SER A 192 -3.74 -5.78 5.47
N TRP A 193 -3.10 -6.34 6.51
CA TRP A 193 -3.87 -6.64 7.71
C TRP A 193 -2.94 -6.71 8.92
N GLY A 194 -3.57 -6.79 10.08
CA GLY A 194 -2.89 -7.02 11.35
C GLY A 194 -3.90 -7.05 12.46
N SER A 195 -3.47 -7.48 13.63
CA SER A 195 -4.32 -7.49 14.81
CA SER A 195 -4.32 -7.50 14.81
C SER A 195 -4.13 -6.17 15.55
N GLY A 196 -5.18 -5.34 15.56
CA GLY A 196 -5.02 -4.01 16.09
C GLY A 196 -4.04 -3.23 15.22
N CYS A 197 -3.42 -2.23 15.83
CA CYS A 197 -2.32 -1.50 15.21
C CYS A 197 -1.25 -1.24 16.25
N ALA A 198 -0.01 -1.56 15.89
CA ALA A 198 1.16 -1.26 16.73
C ALA A 198 1.09 -1.96 18.08
N GLN A 199 0.42 -3.11 18.13
CA GLN A 199 0.33 -3.90 19.34
C GLN A 199 1.53 -4.83 19.50
N LYS A 200 1.95 -5.00 20.74
CA LYS A 200 3.07 -5.91 21.04
C LYS A 200 2.79 -7.29 20.45
N ASN A 201 3.81 -7.87 19.83
CA ASN A 201 3.80 -9.23 19.30
C ASN A 201 2.93 -9.42 18.07
N LYS A 202 2.39 -8.34 17.49
CA LYS A 202 1.43 -8.39 16.40
C LYS A 202 1.89 -7.44 15.31
N PRO A 203 2.82 -7.87 14.47
CA PRO A 203 3.36 -6.98 13.43
C PRO A 203 2.35 -6.81 12.31
N GLY A 204 2.67 -5.91 11.39
CA GLY A 204 1.86 -5.76 10.20
C GLY A 204 2.08 -6.89 9.22
N VAL A 205 1.02 -7.22 8.50
CA VAL A 205 1.04 -8.24 7.46
C VAL A 205 0.76 -7.59 6.11
N TYR A 206 1.56 -7.96 5.12
CA TYR A 206 1.63 -7.27 3.83
C TYR A 206 1.54 -8.27 2.69
N THR A 207 0.85 -7.88 1.62
CA THR A 207 0.80 -8.71 0.43
C THR A 207 2.17 -8.76 -0.22
N LYS A 208 2.61 -9.97 -0.60
CA LYS A 208 3.97 -10.22 -1.10
C LYS A 208 3.98 -9.98 -2.60
N VAL A 209 4.30 -8.73 -2.98
CA VAL A 209 4.12 -8.28 -4.36
C VAL A 209 4.98 -9.08 -5.32
N CYS A 210 6.17 -9.50 -4.89
CA CYS A 210 7.05 -10.22 -5.81
C CYS A 210 6.41 -11.50 -6.37
N ASN A 211 5.39 -12.05 -5.72
CA ASN A 211 4.69 -13.22 -6.24
C ASN A 211 3.73 -12.88 -7.36
N TYR A 212 3.49 -11.59 -7.62
CA TYR A 212 2.43 -11.15 -8.54
C TYR A 212 2.96 -10.39 -9.74
N VAL A 213 4.28 -10.29 -9.92
CA VAL A 213 4.80 -9.42 -10.97
C VAL A 213 4.31 -9.87 -12.34
N SER A 214 4.36 -11.18 -12.61
CA SER A 214 3.92 -11.65 -13.92
CA SER A 214 3.92 -11.65 -13.92
C SER A 214 2.41 -11.44 -14.10
N TRP A 215 1.64 -11.67 -13.05
CA TRP A 215 0.19 -11.44 -13.09
C TRP A 215 -0.13 -9.96 -13.34
N ILE A 216 0.57 -9.07 -12.65
CA ILE A 216 0.39 -7.65 -12.90
C ILE A 216 0.66 -7.33 -14.36
N LYS A 217 1.82 -7.76 -14.87
CA LYS A 217 2.17 -7.37 -16.23
C LYS A 217 1.18 -7.92 -17.25
N GLN A 218 0.74 -9.16 -17.06
CA GLN A 218 -0.20 -9.70 -18.03
C GLN A 218 -1.56 -9.03 -17.92
N THR A 219 -1.99 -8.72 -16.71
CA THR A 219 -3.30 -8.07 -16.53
C THR A 219 -3.28 -6.69 -17.17
N ILE A 220 -2.20 -5.92 -16.99
CA ILE A 220 -2.07 -4.63 -17.64
C ILE A 220 -2.07 -4.78 -19.15
N ALA A 221 -1.32 -5.77 -19.66
CA ALA A 221 -1.17 -5.90 -21.11
C ALA A 221 -2.50 -6.25 -21.75
N SER A 222 -3.38 -6.95 -21.03
CA SER A 222 -4.65 -7.36 -21.59
CA SER A 222 -4.67 -7.37 -21.57
C SER A 222 -5.78 -6.35 -21.35
N ASN A 223 -5.51 -5.24 -20.68
CA ASN A 223 -6.52 -4.25 -20.34
C ASN A 223 -6.10 -2.86 -20.76
CA CA B . -3.78 18.26 -1.23
S SO4 C . -7.22 -19.18 -0.04
O1 SO4 C . -6.95 -18.53 1.23
O2 SO4 C . -6.47 -20.43 -0.18
O3 SO4 C . -8.66 -19.47 -0.13
O4 SO4 C . -6.90 -18.31 -1.17
S SO4 D . -0.71 16.44 10.76
O1 SO4 D . 0.28 15.61 11.46
O2 SO4 D . -0.71 16.19 9.33
O3 SO4 D . -2.07 16.13 11.22
O4 SO4 D . -0.51 17.86 11.03
S SO4 E . 10.64 -17.37 15.84
O1 SO4 E . 10.91 -17.84 17.19
O2 SO4 E . 11.87 -17.80 15.18
O3 SO4 E . 9.49 -18.08 15.33
O4 SO4 E . 10.64 -15.92 15.92
S SO4 F . 1.63 -22.30 11.01
O1 SO4 F . 2.52 -22.75 12.08
O2 SO4 F . 2.27 -22.60 9.73
O3 SO4 F . 0.33 -22.98 11.07
O4 SO4 F . 1.49 -20.86 11.09
S SO4 G . 6.40 -14.01 -10.70
O1 SO4 G . 6.97 -14.33 -9.38
O2 SO4 G . 7.48 -13.74 -11.64
O3 SO4 G . 5.63 -15.15 -11.17
O4 SO4 G . 5.54 -12.85 -10.62
C1 J3I H . -2.73 -2.39 8.80
C2 J3I H . -3.88 -2.69 7.88
C3 J3I H . -5.22 -2.43 8.53
C4 J3I H . -6.47 -2.48 7.70
C5 J3I H . -7.78 -4.52 7.87
C6 J3I H . -8.05 -5.93 7.35
C9 J3I H . -9.88 -7.32 8.22
C10 J3I H . -7.74 -6.95 9.53
C11 J3I H . -8.27 -7.78 10.70
C12 J3I H . -7.66 -9.18 10.73
C13 J3I H . -8.07 -10.07 9.58
C15 J3I H . -9.77 -11.28 8.38
C18 J3I H . -7.13 -10.54 8.68
N J3I H . -1.75 -3.63 12.04
C J3I H . -1.70 -3.35 10.74
O J3I H . -8.49 -4.04 8.74
C14 J3I H . -9.39 -10.45 9.42
C16 J3I H . -8.82 -11.75 7.49
C17 J3I H . -7.50 -11.38 7.65
C19 J3I H . -5.30 -3.28 9.81
C20 J3I H . -4.10 -3.06 10.74
C7 J3I H . -9.23 -5.91 6.36
C8 J3I H . -10.11 -7.07 6.75
N1 J3I H . -0.50 -3.31 10.16
N2 J3I H . -2.82 -3.19 10.02
N3 J3I H . -6.76 -3.85 7.31
N4 J3I H . -8.52 -6.77 8.45
N5 J3I H . -7.85 -7.08 11.96
O1 J3I H . -6.62 -6.49 9.59
S DMS I . 10.71 10.32 3.81
O DMS I . 11.65 9.32 4.41
C1 DMS I . 11.57 11.87 3.46
C2 DMS I . 10.30 9.76 2.13
S DMS J . -1.40 6.26 21.00
O DMS J . -0.84 5.53 19.83
C1 DMS J . -1.43 8.04 20.70
C2 DMS J . -3.16 5.92 21.28
#